data_1JRR
#
_entry.id   1JRR
#
_cell.length_a   93.139
_cell.length_b   104.160
_cell.length_c   41.395
_cell.angle_alpha   90.00
_cell.angle_beta   90.00
_cell.angle_gamma   90.00
#
_symmetry.space_group_name_H-M   'P 21 21 2'
#
loop_
_entity.id
_entity.type
_entity.pdbx_description
1 polymer 'PLASMINOGEN ACTIVATOR INHIBITOR-2'
2 polymer 'PLASMINOGEN ACTIVATOR INHIBITOR-2'
3 non-polymer BETA-MERCAPTOETHANOL
4 water water
#
loop_
_entity_poly.entity_id
_entity_poly.type
_entity_poly.pdbx_seq_one_letter_code
_entity_poly.pdbx_strand_id
1 'polypeptide(L)'
;MEDLCVANTLFALNLFKHLAKASPTQNLFLSPWSISSTMAMVYMGSRGSTEDQMAKVLQFNEVGAAADKIHSSFRSLSSA
INASTGNYLLESVNKLFGEKSASFREEYIRLCQKYYSSEPQAVDFLECAEEARKKINSWVKTQTKGKIPNLLPEGSVDGD
TRMVLVNAVYFKGKWKTPFEKKLNGLYPFRVNSAQRTPVQMMYLREKLNIGYIEDLKAQILELPYAGDVSMFLLLPDEIA
DVSTGLELLESEITYDKLNKWTSKDKMAEDEVEVYIPQFKLEEHYELRSILRSMGMEDAFNKGRANFSGMSERNDLFLSE
VFHQAMVDVNEEGTEAAAGTGGVMTGRTGHGGPQFVADHPFLFLIMHKITNCILFFGRFSSP
;
A
2 'polypeptide(L)' (ACE)TEAAAGTGGVMTGR P
#
loop_
_chem_comp.id
_chem_comp.type
_chem_comp.name
_chem_comp.formula
ACE non-polymer 'ACETYL GROUP' 'C2 H4 O'
BME non-polymer BETA-MERCAPTOETHANOL 'C2 H6 O S'
#
# COMPACT_ATOMS: atom_id res chain seq x y z
N GLU A 2 20.65 5.37 8.44
CA GLU A 2 20.13 4.25 7.61
C GLU A 2 18.61 4.32 7.50
N ASP A 3 18.11 4.17 6.27
CA ASP A 3 16.68 4.04 6.06
C ASP A 3 16.26 2.61 6.41
N LEU A 4 15.53 2.46 7.52
CA LEU A 4 15.15 1.13 7.97
C LEU A 4 13.99 0.48 7.21
N CYS A 5 13.38 1.19 6.26
CA CYS A 5 12.28 0.62 5.47
C CYS A 5 12.65 0.44 4.00
N VAL A 6 13.95 0.45 3.69
CA VAL A 6 14.40 0.39 2.30
C VAL A 6 13.92 -0.80 1.46
N ALA A 7 13.96 -2.01 2.01
CA ALA A 7 13.49 -3.17 1.25
C ALA A 7 12.04 -2.98 0.85
N ASN A 8 11.23 -2.54 1.79
CA ASN A 8 9.81 -2.36 1.53
C ASN A 8 9.55 -1.29 0.50
N THR A 9 10.37 -0.25 0.49
CA THR A 9 10.23 0.82 -0.47
C THR A 9 10.66 0.37 -1.86
N LEU A 10 11.75 -0.35 -1.96
CA LEU A 10 12.17 -0.90 -3.22
C LEU A 10 11.08 -1.81 -3.79
N PHE A 11 10.50 -2.66 -2.94
CA PHE A 11 9.41 -3.53 -3.36
C PHE A 11 8.21 -2.70 -3.80
N ALA A 12 7.85 -1.69 -3.02
CA ALA A 12 6.68 -0.86 -3.32
C ALA A 12 6.84 -0.29 -4.72
N LEU A 13 8.01 0.25 -5.04
CA LEU A 13 8.19 0.87 -6.35
C LEU A 13 8.16 -0.16 -7.48
N ASN A 14 8.79 -1.32 -7.30
CA ASN A 14 8.81 -2.34 -8.34
C ASN A 14 7.41 -2.90 -8.53
N LEU A 15 6.69 -3.08 -7.42
CA LEU A 15 5.31 -3.52 -7.49
C LEU A 15 4.46 -2.52 -8.27
N PHE A 16 4.57 -1.25 -7.95
CA PHE A 16 3.82 -0.25 -8.71
C PHE A 16 4.17 -0.33 -10.21
N LYS A 17 5.43 -0.46 -10.56
CA LYS A 17 5.80 -0.54 -11.99
C LYS A 17 5.12 -1.72 -12.69
N HIS A 18 5.01 -2.83 -12.00
CA HIS A 18 4.44 -4.02 -12.61
C HIS A 18 2.95 -3.93 -12.68
N LEU A 19 2.35 -3.39 -11.63
CA LEU A 19 0.90 -3.21 -11.64
C LEU A 19 0.50 -2.26 -12.76
N ALA A 20 1.34 -1.27 -13.02
CA ALA A 20 1.04 -0.32 -14.08
C ALA A 20 1.10 -0.99 -15.45
N LYS A 21 1.78 -2.13 -15.59
CA LYS A 21 1.74 -2.84 -16.87
C LYS A 21 0.34 -3.40 -17.10
N ALA A 22 -0.30 -3.83 -16.03
CA ALA A 22 -1.64 -4.33 -16.15
C ALA A 22 -2.63 -3.19 -16.28
N SER A 23 -2.30 -2.06 -15.66
CA SER A 23 -3.22 -0.93 -15.58
C SER A 23 -2.47 0.38 -15.81
N PRO A 24 -2.18 0.68 -17.05
CA PRO A 24 -1.31 1.79 -17.40
C PRO A 24 -1.82 3.19 -17.27
N THR A 25 -3.13 3.41 -17.20
CA THR A 25 -3.66 4.77 -17.23
C THR A 25 -4.75 5.12 -16.19
N GLN A 26 -5.60 4.16 -15.77
CA GLN A 26 -6.67 4.39 -14.82
C GLN A 26 -6.18 4.66 -13.39
N ASN A 27 -7.05 5.17 -12.54
CA ASN A 27 -6.68 5.38 -11.15
C ASN A 27 -6.13 4.10 -10.53
N LEU A 28 -5.09 4.24 -9.68
CA LEU A 28 -4.45 3.12 -8.99
C LEU A 28 -4.27 3.49 -7.53
N PHE A 29 -4.49 2.54 -6.62
CA PHE A 29 -4.28 2.84 -5.22
C PHE A 29 -4.03 1.55 -4.45
N LEU A 30 -2.99 1.55 -3.63
CA LEU A 30 -2.67 0.37 -2.85
C LEU A 30 -1.89 0.73 -1.59
N SER A 31 -1.77 -0.24 -0.69
CA SER A 31 -0.88 -0.09 0.46
C SER A 31 0.25 -1.06 0.35
N PRO A 32 1.40 -0.59 -0.10
CA PRO A 32 2.55 -1.50 -0.19
C PRO A 32 2.93 -2.07 1.19
N TRP A 33 2.77 -1.28 2.25
CA TRP A 33 3.05 -1.78 3.61
C TRP A 33 2.23 -3.03 3.92
N SER A 34 0.94 -2.97 3.62
CA SER A 34 0.04 -4.09 3.90
C SER A 34 0.50 -5.32 3.14
N ILE A 35 0.86 -5.11 1.87
CA ILE A 35 1.28 -6.23 1.06
C ILE A 35 2.59 -6.83 1.54
N SER A 36 3.57 -5.99 1.86
CA SER A 36 4.85 -6.47 2.37
C SER A 36 4.65 -7.26 3.64
N SER A 37 3.81 -6.77 4.54
CA SER A 37 3.57 -7.51 5.76
C SER A 37 2.98 -8.90 5.53
N THR A 38 1.95 -8.99 4.71
CA THR A 38 1.33 -10.25 4.40
C THR A 38 2.32 -11.19 3.77
N MET A 39 3.08 -10.68 2.80
CA MET A 39 4.02 -11.53 2.12
C MET A 39 5.18 -11.97 3.01
N ALA A 40 5.50 -11.17 4.01
CA ALA A 40 6.55 -11.52 4.96
C ALA A 40 6.11 -12.76 5.74
N MET A 41 4.83 -12.80 6.11
CA MET A 41 4.30 -13.95 6.84
C MET A 41 4.29 -15.19 5.96
N VAL A 42 4.00 -15.01 4.67
CA VAL A 42 4.09 -16.13 3.75
C VAL A 42 5.55 -16.62 3.58
N TYR A 43 6.45 -15.66 3.40
CA TYR A 43 7.87 -15.94 3.33
C TYR A 43 8.39 -16.77 4.49
N MET A 44 7.92 -16.45 5.69
CA MET A 44 8.29 -17.21 6.89
C MET A 44 8.02 -18.72 6.74
N GLY A 45 7.02 -19.10 5.94
CA GLY A 45 6.71 -20.50 5.73
C GLY A 45 7.38 -21.15 4.53
N SER A 46 8.04 -20.33 3.70
CA SER A 46 8.64 -20.82 2.43
C SER A 46 9.98 -21.41 2.66
N ARG A 47 10.34 -22.35 1.78
CA ARG A 47 11.64 -22.98 1.83
C ARG A 47 12.13 -23.20 0.40
N GLY A 48 13.37 -23.66 0.28
CA GLY A 48 13.94 -23.93 -1.03
C GLY A 48 13.87 -22.78 -2.00
N SER A 49 13.65 -23.10 -3.28
CA SER A 49 13.60 -22.09 -4.31
C SER A 49 12.45 -21.13 -4.10
N THR A 50 11.40 -21.57 -3.42
CA THR A 50 10.24 -20.70 -3.21
C THR A 50 10.72 -19.55 -2.34
N GLU A 51 11.40 -19.91 -1.26
CA GLU A 51 11.98 -18.95 -0.33
C GLU A 51 12.96 -18.00 -1.01
N ASP A 52 13.88 -18.57 -1.80
CA ASP A 52 14.92 -17.79 -2.43
C ASP A 52 14.30 -16.74 -3.38
N GLN A 53 13.29 -17.12 -4.12
CA GLN A 53 12.62 -16.18 -5.01
C GLN A 53 11.86 -15.11 -4.24
N MET A 54 11.12 -15.51 -3.21
CA MET A 54 10.40 -14.51 -2.42
C MET A 54 11.36 -13.48 -1.82
N ALA A 55 12.52 -13.91 -1.32
CA ALA A 55 13.45 -12.95 -0.74
C ALA A 55 13.94 -11.94 -1.78
N LYS A 56 14.17 -12.41 -2.99
CA LYS A 56 14.59 -11.54 -4.08
C LYS A 56 13.48 -10.51 -4.39
N VAL A 57 12.28 -11.01 -4.58
CA VAL A 57 11.19 -10.16 -5.00
C VAL A 57 10.84 -9.12 -3.95
N LEU A 58 10.82 -9.55 -2.69
CA LEU A 58 10.47 -8.64 -1.61
C LEU A 58 11.60 -7.72 -1.20
N GLN A 59 12.76 -7.89 -1.83
CA GLN A 59 13.91 -6.99 -1.70
C GLN A 59 14.68 -7.14 -0.41
N PHE A 60 14.56 -8.32 0.18
CA PHE A 60 15.27 -8.61 1.39
C PHE A 60 16.79 -8.81 1.12
N ASN A 61 17.20 -9.00 -0.14
CA ASN A 61 18.61 -9.18 -0.50
C ASN A 61 19.34 -7.87 -0.84
N LYS A 69 17.48 -11.03 9.50
CA LYS A 69 16.83 -10.21 10.53
C LYS A 69 15.53 -9.58 10.01
N ILE A 70 14.99 -10.14 8.93
CA ILE A 70 13.79 -9.61 8.32
C ILE A 70 12.60 -9.59 9.28
N HIS A 71 12.36 -10.69 9.98
CA HIS A 71 11.17 -10.76 10.82
C HIS A 71 11.23 -9.79 12.00
N SER A 72 12.40 -9.66 12.60
CA SER A 72 12.52 -8.73 13.71
C SER A 72 12.35 -7.30 13.17
N SER A 73 12.78 -7.05 11.94
CA SER A 73 12.57 -5.75 11.29
C SER A 73 11.09 -5.42 11.13
N PHE A 74 10.30 -6.37 10.62
CA PHE A 74 8.88 -6.10 10.51
C PHE A 74 8.27 -5.80 11.87
N ARG A 75 8.67 -6.54 12.88
CA ARG A 75 8.09 -6.32 14.20
C ARG A 75 8.40 -4.90 14.68
N SER A 76 9.65 -4.49 14.51
CA SER A 76 10.08 -3.14 14.92
C SER A 76 9.40 -2.00 14.14
N LEU A 77 9.32 -2.15 12.82
CA LEU A 77 8.62 -1.17 11.98
C LEU A 77 7.13 -1.09 12.34
N SER A 78 6.53 -2.25 12.55
CA SER A 78 5.11 -2.34 12.92
C SER A 78 4.87 -1.62 14.22
N SER A 79 5.76 -1.84 15.18
CA SER A 79 5.63 -1.16 16.47
C SER A 79 5.61 0.34 16.30
N ALA A 80 6.50 0.86 15.45
CA ALA A 80 6.58 2.29 15.23
C ALA A 80 5.33 2.83 14.51
N ILE A 81 4.85 2.09 13.51
CA ILE A 81 3.67 2.51 12.81
C ILE A 81 2.44 2.53 13.74
N ASN A 82 2.37 1.58 14.65
CA ASN A 82 1.24 1.48 15.57
C ASN A 82 1.32 2.35 16.84
N ALA A 83 2.44 3.02 17.02
CA ALA A 83 2.63 3.82 18.23
C ALA A 83 1.47 4.82 18.48
N SER A 84 1.00 4.91 19.73
CA SER A 84 -0.06 5.88 20.08
C SER A 84 0.45 7.30 19.87
N THR A 85 -0.37 8.17 19.29
CA THR A 85 0.14 9.52 19.05
C THR A 85 -0.72 10.72 19.51
N GLY A 86 -2.02 10.63 19.32
CA GLY A 86 -2.94 11.73 19.57
C GLY A 86 -3.21 12.54 18.30
N ASN A 87 -2.40 12.33 17.27
CA ASN A 87 -2.43 13.19 16.08
C ASN A 87 -3.27 12.62 14.94
N TYR A 88 -3.41 11.31 14.91
CA TYR A 88 -4.17 10.64 13.87
C TYR A 88 -4.44 9.23 14.34
N LEU A 89 -5.28 8.54 13.59
CA LEU A 89 -5.55 7.13 13.83
C LEU A 89 -4.68 6.38 12.83
N LEU A 90 -3.89 5.43 13.31
CA LEU A 90 -3.03 4.64 12.42
C LEU A 90 -2.86 3.26 13.07
N GLU A 91 -3.34 2.23 12.38
CA GLU A 91 -3.28 0.89 12.90
C GLU A 91 -2.94 -0.08 11.78
N SER A 92 -2.06 -1.01 12.10
CA SER A 92 -1.69 -2.11 11.19
C SER A 92 -1.79 -3.39 12.02
N VAL A 93 -2.58 -4.32 11.55
CA VAL A 93 -2.83 -5.56 12.25
C VAL A 93 -2.79 -6.74 11.29
N ASN A 94 -2.06 -7.78 11.71
CA ASN A 94 -1.97 -9.04 10.97
C ASN A 94 -2.83 -10.11 11.62
N LYS A 95 -3.22 -11.09 10.82
CA LYS A 95 -4.08 -12.15 11.30
C LYS A 95 -3.89 -13.41 10.47
N LEU A 96 -3.88 -14.56 11.13
CA LEU A 96 -3.74 -15.84 10.48
C LEU A 96 -5.01 -16.65 10.76
N PHE A 97 -5.66 -17.12 9.71
CA PHE A 97 -6.83 -18.00 9.80
C PHE A 97 -6.44 -19.33 9.22
N GLY A 98 -6.57 -20.39 10.01
CA GLY A 98 -6.13 -21.70 9.60
C GLY A 98 -7.22 -22.76 9.66
N GLU A 99 -7.17 -23.69 8.73
CA GLU A 99 -8.12 -24.80 8.73
C GLU A 99 -8.01 -25.57 10.04
N LYS A 100 -9.15 -25.79 10.68
CA LYS A 100 -9.20 -26.40 12.00
C LYS A 100 -8.65 -27.81 12.06
N SER A 101 -8.78 -28.58 10.98
CA SER A 101 -8.29 -29.96 10.93
C SER A 101 -6.86 -30.11 10.44
N ALA A 102 -6.22 -28.97 10.18
CA ALA A 102 -4.88 -29.00 9.65
C ALA A 102 -3.88 -28.99 10.79
N SER A 103 -2.70 -29.53 10.54
CA SER A 103 -1.63 -29.58 11.52
C SER A 103 -0.45 -28.77 11.03
N PHE A 104 -0.37 -27.51 11.45
CA PHE A 104 0.74 -26.68 11.02
C PHE A 104 1.90 -26.84 11.96
N ARG A 105 3.08 -26.45 11.50
CA ARG A 105 4.30 -26.55 12.29
C ARG A 105 4.20 -25.67 13.53
N GLU A 106 4.52 -26.21 14.70
CA GLU A 106 4.36 -25.41 15.89
C GLU A 106 5.28 -24.18 15.89
N GLU A 107 6.48 -24.31 15.34
CA GLU A 107 7.44 -23.20 15.25
C GLU A 107 6.94 -22.13 14.30
N TYR A 108 6.29 -22.52 13.18
CA TYR A 108 5.70 -21.51 12.29
C TYR A 108 4.64 -20.69 13.04
N ILE A 109 3.71 -21.37 13.69
CA ILE A 109 2.67 -20.65 14.41
C ILE A 109 3.28 -19.76 15.50
N ARG A 110 4.27 -20.28 16.23
CA ARG A 110 4.90 -19.52 17.30
C ARG A 110 5.62 -18.29 16.80
N LEU A 111 6.42 -18.48 15.74
CA LEU A 111 7.22 -17.39 15.21
C LEU A 111 6.37 -16.35 14.50
N CYS A 112 5.28 -16.78 13.88
CA CYS A 112 4.42 -15.83 13.19
C CYS A 112 3.73 -14.98 14.24
N GLN A 113 3.30 -15.58 15.34
CA GLN A 113 2.75 -14.76 16.42
C GLN A 113 3.82 -13.81 17.03
N LYS A 114 5.03 -14.30 17.28
CA LYS A 114 6.10 -13.51 17.85
C LYS A 114 6.40 -12.25 17.05
N TYR A 115 6.58 -12.43 15.76
CA TYR A 115 7.02 -11.33 14.94
C TYR A 115 5.94 -10.54 14.24
N TYR A 116 4.74 -11.11 14.11
CA TYR A 116 3.62 -10.45 13.41
C TYR A 116 2.36 -10.27 14.27
N SER A 117 2.37 -10.81 15.49
CA SER A 117 1.21 -10.71 16.35
C SER A 117 -0.09 -11.06 15.62
N SER A 118 -0.05 -12.17 14.91
CA SER A 118 -1.14 -12.58 14.03
C SER A 118 -2.27 -13.38 14.67
N GLU A 119 -2.18 -13.60 15.98
CA GLU A 119 -3.24 -14.26 16.75
C GLU A 119 -3.92 -15.41 15.97
N PRO A 120 -3.13 -16.44 15.68
CA PRO A 120 -3.58 -17.54 14.82
C PRO A 120 -4.88 -18.15 15.30
N GLN A 121 -5.83 -18.22 14.39
CA GLN A 121 -7.16 -18.69 14.70
C GLN A 121 -7.67 -19.77 13.75
N ALA A 122 -8.32 -20.78 14.30
CA ALA A 122 -8.89 -21.86 13.50
C ALA A 122 -10.27 -21.53 12.94
N VAL A 123 -10.49 -21.90 11.68
CA VAL A 123 -11.78 -21.74 11.00
C VAL A 123 -12.06 -23.02 10.22
N ASP A 124 -13.28 -23.16 9.70
CA ASP A 124 -13.69 -24.37 9.00
C ASP A 124 -13.73 -24.20 7.47
N PHE A 125 -12.55 -24.17 6.85
CA PHE A 125 -12.51 -24.10 5.38
C PHE A 125 -13.00 -25.41 4.73
N LEU A 126 -12.64 -26.53 5.34
CA LEU A 126 -12.88 -27.84 4.74
C LEU A 126 -14.36 -28.08 4.45
N GLU A 127 -15.23 -27.71 5.38
CA GLU A 127 -16.67 -27.91 5.19
C GLU A 127 -17.53 -26.64 5.07
N CYS A 128 -17.08 -25.54 5.67
CA CYS A 128 -17.84 -24.30 5.66
C CYS A 128 -17.01 -23.12 5.19
N ALA A 129 -16.47 -23.26 3.98
CA ALA A 129 -15.59 -22.25 3.39
C ALA A 129 -16.26 -20.89 3.20
N GLU A 130 -17.50 -20.89 2.77
CA GLU A 130 -18.20 -19.63 2.57
C GLU A 130 -18.41 -18.92 3.89
N GLU A 131 -18.70 -19.67 4.93
CA GLU A 131 -18.80 -19.10 6.27
C GLU A 131 -17.43 -18.54 6.71
N ALA A 132 -16.37 -19.27 6.42
CA ALA A 132 -15.03 -18.81 6.78
C ALA A 132 -14.71 -17.52 6.03
N ARG A 133 -15.05 -17.44 4.75
CA ARG A 133 -14.81 -16.21 3.98
C ARG A 133 -15.53 -15.00 4.58
N LYS A 134 -16.79 -15.22 4.94
CA LYS A 134 -17.55 -14.15 5.58
C LYS A 134 -16.93 -13.66 6.88
N LYS A 135 -16.40 -14.59 7.66
CA LYS A 135 -15.82 -14.27 8.95
C LYS A 135 -14.54 -13.45 8.74
N ILE A 136 -13.72 -13.89 7.78
CA ILE A 136 -12.46 -13.20 7.50
C ILE A 136 -12.77 -11.79 7.01
N ASN A 137 -13.74 -11.68 6.11
CA ASN A 137 -14.08 -10.37 5.55
C ASN A 137 -14.61 -9.48 6.66
N SER A 138 -15.37 -10.07 7.58
CA SER A 138 -15.92 -9.27 8.69
C SER A 138 -14.83 -8.75 9.60
N TRP A 139 -13.83 -9.59 9.86
CA TRP A 139 -12.68 -9.18 10.65
C TRP A 139 -11.95 -7.99 10.00
N VAL A 140 -11.73 -8.08 8.69
CA VAL A 140 -11.06 -6.97 8.00
C VAL A 140 -11.92 -5.72 8.04
N LYS A 141 -13.23 -5.91 7.86
CA LYS A 141 -14.12 -4.78 7.89
C LYS A 141 -14.01 -4.03 9.24
N THR A 142 -14.08 -4.77 10.32
CA THR A 142 -13.94 -4.18 11.63
C THR A 142 -12.62 -3.42 11.80
N GLN A 143 -11.50 -4.04 11.38
CA GLN A 143 -10.20 -3.42 11.51
C GLN A 143 -10.07 -2.11 10.72
N THR A 144 -10.77 -2.04 9.59
CA THR A 144 -10.74 -0.90 8.68
C THR A 144 -11.90 0.08 8.89
N LYS A 145 -12.58 -0.04 10.03
CA LYS A 145 -13.69 0.83 10.40
C LYS A 145 -14.78 0.89 9.32
N GLY A 146 -14.98 -0.24 8.65
CA GLY A 146 -16.01 -0.37 7.62
C GLY A 146 -15.55 -0.06 6.21
N LYS A 147 -14.30 0.34 6.07
CA LYS A 147 -13.80 0.82 4.77
C LYS A 147 -13.41 -0.23 3.75
N ILE A 148 -13.02 -1.43 4.21
CA ILE A 148 -12.73 -2.59 3.35
C ILE A 148 -13.65 -3.74 3.78
N PRO A 149 -14.89 -3.76 3.26
CA PRO A 149 -15.92 -4.70 3.71
C PRO A 149 -15.86 -6.15 3.17
N ASN A 150 -15.30 -6.34 1.99
CA ASN A 150 -15.25 -7.64 1.34
C ASN A 150 -13.91 -7.87 0.62
N LEU A 151 -12.87 -8.04 1.41
CA LEU A 151 -11.54 -8.26 0.90
C LEU A 151 -11.46 -9.47 -0.01
N LEU A 152 -11.98 -10.59 0.46
CA LEU A 152 -11.94 -11.85 -0.29
C LEU A 152 -13.21 -12.01 -1.12
N PRO A 153 -13.06 -12.02 -2.45
CA PRO A 153 -14.21 -12.14 -3.34
C PRO A 153 -14.81 -13.54 -3.40
N GLU A 154 -15.97 -13.68 -4.02
CA GLU A 154 -16.58 -14.98 -4.15
C GLU A 154 -15.66 -15.93 -4.88
N GLY A 155 -15.53 -17.15 -4.35
CA GLY A 155 -14.73 -18.20 -4.95
C GLY A 155 -13.27 -18.22 -4.56
N SER A 156 -12.83 -17.24 -3.76
CA SER A 156 -11.43 -17.08 -3.38
C SER A 156 -10.98 -18.10 -2.36
N VAL A 157 -11.93 -18.67 -1.65
CA VAL A 157 -11.65 -19.72 -0.69
C VAL A 157 -12.64 -20.86 -0.89
N ASP A 158 -12.16 -22.06 -0.63
CA ASP A 158 -12.95 -23.27 -0.84
C ASP A 158 -12.48 -24.36 0.08
N GLY A 159 -12.98 -25.58 -0.13
CA GLY A 159 -12.67 -26.68 0.74
C GLY A 159 -11.22 -27.12 0.77
N ASP A 160 -10.44 -26.66 -0.20
CA ASP A 160 -9.01 -26.95 -0.24
C ASP A 160 -8.18 -25.84 0.40
N THR A 161 -8.83 -24.75 0.82
CA THR A 161 -8.11 -23.65 1.49
C THR A 161 -7.60 -24.13 2.84
N ARG A 162 -6.34 -23.85 3.14
CA ARG A 162 -5.73 -24.26 4.41
C ARG A 162 -5.34 -23.11 5.33
N MET A 163 -4.96 -21.97 4.78
CA MET A 163 -4.60 -20.85 5.63
C MET A 163 -4.79 -19.57 4.85
N VAL A 164 -5.31 -18.56 5.50
CA VAL A 164 -5.39 -17.23 4.90
C VAL A 164 -4.61 -16.29 5.80
N LEU A 165 -3.60 -15.63 5.23
CA LEU A 165 -2.76 -14.67 5.92
C LEU A 165 -3.18 -13.30 5.56
N VAL A 166 -3.50 -12.51 6.59
CA VAL A 166 -4.12 -11.20 6.41
C VAL A 166 -3.42 -10.06 7.10
N ASN A 167 -3.35 -8.92 6.42
CA ASN A 167 -2.99 -7.65 7.02
C ASN A 167 -4.08 -6.65 6.71
N ALA A 168 -4.39 -5.84 7.71
CA ALA A 168 -5.32 -4.72 7.57
C ALA A 168 -4.60 -3.48 8.08
N VAL A 169 -4.77 -2.36 7.37
CA VAL A 169 -4.18 -1.09 7.75
C VAL A 169 -5.25 0.00 7.66
N TYR A 170 -5.25 0.90 8.64
CA TYR A 170 -6.22 1.97 8.67
C TYR A 170 -5.57 3.24 9.10
N PHE A 171 -5.87 4.32 8.38
CA PHE A 171 -5.33 5.63 8.68
C PHE A 171 -6.40 6.70 8.57
N LYS A 172 -6.48 7.58 9.58
CA LYS A 172 -7.34 8.75 9.46
C LYS A 172 -6.60 9.93 10.04
N GLY A 173 -6.32 10.91 9.21
CA GLY A 173 -5.62 12.08 9.67
C GLY A 173 -6.24 13.36 9.14
N LYS A 174 -5.86 14.47 9.75
CA LYS A 174 -6.31 15.79 9.37
C LYS A 174 -5.07 16.54 8.88
N TRP A 175 -5.25 17.41 7.89
CA TRP A 175 -4.11 18.19 7.40
C TRP A 175 -3.63 19.15 8.49
N LYS A 176 -2.33 19.42 8.52
CA LYS A 176 -1.79 20.39 9.48
C LYS A 176 -2.49 21.73 9.29
N THR A 177 -2.79 22.06 8.03
CA THR A 177 -3.51 23.27 7.68
C THR A 177 -4.66 22.88 6.77
N PRO A 178 -5.88 23.27 7.12
CA PRO A 178 -7.05 22.91 6.32
C PRO A 178 -7.01 23.58 4.96
N PHE A 179 -7.60 22.93 3.97
CA PHE A 179 -7.79 23.49 2.65
C PHE A 179 -9.09 24.24 2.65
N GLU A 180 -9.25 25.09 1.66
CA GLU A 180 -10.52 25.73 1.39
C GLU A 180 -11.11 25.03 0.17
N LYS A 181 -12.34 24.56 0.30
CA LYS A 181 -13.02 24.03 -0.87
C LYS A 181 -13.33 25.21 -1.81
N LYS A 182 -12.68 25.28 -2.97
CA LYS A 182 -12.95 26.38 -3.91
C LYS A 182 -14.35 26.29 -4.52
N TYR A 187 -10.86 23.86 -12.17
CA TYR A 187 -12.02 22.99 -12.19
C TYR A 187 -11.90 21.91 -13.31
N PRO A 188 -11.51 22.24 -14.54
CA PRO A 188 -11.30 21.19 -15.55
C PRO A 188 -10.01 20.43 -15.26
N PHE A 189 -10.11 19.11 -15.15
CA PHE A 189 -8.95 18.25 -14.95
C PHE A 189 -8.62 17.57 -16.27
N ARG A 190 -7.37 17.67 -16.69
CA ARG A 190 -6.93 17.15 -17.96
C ARG A 190 -6.62 15.64 -17.87
N VAL A 191 -7.57 14.81 -18.27
CA VAL A 191 -7.43 13.35 -18.15
C VAL A 191 -6.46 12.80 -19.20
N ASN A 192 -6.63 13.27 -20.44
CA ASN A 192 -5.76 12.87 -21.55
C ASN A 192 -5.94 13.92 -22.63
N SER A 193 -5.32 13.73 -23.78
CA SER A 193 -5.32 14.77 -24.79
C SER A 193 -6.70 14.96 -25.44
N ALA A 194 -7.63 14.06 -25.18
CA ALA A 194 -8.97 14.19 -25.72
C ALA A 194 -10.08 14.37 -24.68
N GLN A 195 -9.72 14.50 -23.39
CA GLN A 195 -10.70 14.54 -22.35
C GLN A 195 -10.34 15.43 -21.17
N ARG A 196 -11.31 16.26 -20.79
CA ARG A 196 -11.19 17.10 -19.61
C ARG A 196 -12.44 16.80 -18.79
N THR A 197 -12.29 16.69 -17.48
CA THR A 197 -13.42 16.35 -16.65
C THR A 197 -13.47 17.31 -15.46
N PRO A 198 -14.60 17.93 -15.18
CA PRO A 198 -14.69 18.85 -14.04
C PRO A 198 -14.44 18.16 -12.71
N VAL A 199 -13.69 18.82 -11.84
CA VAL A 199 -13.40 18.32 -10.50
C VAL A 199 -13.40 19.43 -9.48
N GLN A 200 -13.88 19.09 -8.31
CA GLN A 200 -13.90 19.98 -7.16
C GLN A 200 -12.46 20.16 -6.69
N MET A 201 -11.97 21.40 -6.68
CA MET A 201 -10.64 21.68 -6.20
C MET A 201 -10.63 22.21 -4.77
N MET A 202 -9.49 21.98 -4.13
CA MET A 202 -9.23 22.46 -2.79
C MET A 202 -7.99 23.34 -2.90
N TYR A 203 -8.03 24.50 -2.22
CA TYR A 203 -7.00 25.50 -2.29
C TYR A 203 -6.37 25.80 -0.94
N LEU A 204 -5.06 25.97 -0.97
CA LEU A 204 -4.29 26.28 0.21
C LEU A 204 -3.13 27.17 -0.17
N ARG A 205 -2.90 28.19 0.63
CA ARG A 205 -1.72 29.02 0.51
C ARG A 205 -0.99 28.91 1.85
N GLU A 206 0.18 28.29 1.88
CA GLU A 206 0.85 27.97 3.14
C GLU A 206 2.34 27.72 2.93
N LYS A 207 3.11 27.83 4.02
CA LYS A 207 4.53 27.50 4.00
C LYS A 207 4.65 25.98 3.92
N LEU A 208 5.13 25.49 2.78
CA LEU A 208 5.25 24.06 2.48
C LEU A 208 6.57 23.75 1.79
N ASN A 209 6.98 22.49 1.92
CA ASN A 209 8.17 22.03 1.21
C ASN A 209 7.81 21.68 -0.22
N ILE A 210 8.51 22.30 -1.17
CA ILE A 210 8.31 22.05 -2.59
C ILE A 210 9.64 21.99 -3.33
N GLY A 211 9.76 21.08 -4.28
CA GLY A 211 10.97 20.99 -5.08
C GLY A 211 10.65 20.48 -6.46
N TYR A 212 11.69 20.17 -7.19
CA TYR A 212 11.55 19.68 -8.55
C TYR A 212 12.62 18.64 -8.82
N ILE A 213 12.18 17.47 -9.31
CA ILE A 213 13.08 16.37 -9.59
C ILE A 213 13.38 16.40 -11.10
N GLU A 214 14.53 16.92 -11.47
CA GLU A 214 14.85 17.10 -12.88
C GLU A 214 14.84 15.80 -13.64
N ASP A 215 15.39 14.75 -13.03
CA ASP A 215 15.48 13.46 -13.69
C ASP A 215 14.09 12.92 -14.04
N LEU A 216 13.06 13.32 -13.30
CA LEU A 216 11.70 12.86 -13.56
C LEU A 216 10.79 13.94 -14.14
N LYS A 217 11.36 15.13 -14.37
CA LYS A 217 10.65 16.29 -14.88
C LYS A 217 9.32 16.45 -14.14
N ALA A 218 9.39 16.48 -12.81
CA ALA A 218 8.20 16.51 -11.96
C ALA A 218 8.45 17.37 -10.73
N GLN A 219 7.44 18.15 -10.42
CA GLN A 219 7.37 18.85 -9.15
C GLN A 219 7.05 17.83 -8.05
N ILE A 220 7.61 18.06 -6.86
CA ILE A 220 7.23 17.27 -5.70
C ILE A 220 6.81 18.26 -4.61
N LEU A 221 5.69 17.94 -3.97
CA LEU A 221 5.14 18.76 -2.90
C LEU A 221 4.89 17.84 -1.70
N GLU A 222 5.18 18.32 -0.50
CA GLU A 222 4.83 17.63 0.74
C GLU A 222 3.68 18.34 1.41
N LEU A 223 2.60 17.61 1.71
CA LEU A 223 1.47 18.14 2.50
C LEU A 223 1.48 17.37 3.81
N PRO A 224 1.84 18.02 4.92
CA PRO A 224 1.84 17.32 6.21
C PRO A 224 0.48 17.18 6.85
N TYR A 225 0.27 16.03 7.48
CA TYR A 225 -0.87 15.85 8.34
C TYR A 225 -0.40 16.38 9.71
N ALA A 226 -1.32 16.50 10.66
CA ALA A 226 -0.91 16.75 12.03
C ALA A 226 -0.18 15.49 12.44
N GLY A 227 0.97 15.60 13.09
CA GLY A 227 1.75 14.42 13.42
C GLY A 227 2.76 14.11 12.33
N ASP A 228 3.50 13.03 12.49
CA ASP A 228 4.61 12.72 11.60
C ASP A 228 4.26 11.83 10.42
N VAL A 229 3.13 12.13 9.81
CA VAL A 229 2.74 11.49 8.54
C VAL A 229 2.52 12.62 7.52
N SER A 230 2.92 12.39 6.28
CA SER A 230 2.73 13.34 5.21
C SER A 230 2.28 12.66 3.93
N MET A 231 1.66 13.44 3.06
CA MET A 231 1.41 13.03 1.68
C MET A 231 2.41 13.74 0.80
N PHE A 232 3.04 12.99 -0.08
CA PHE A 232 3.90 13.62 -1.08
C PHE A 232 3.22 13.42 -2.42
N LEU A 233 3.27 14.47 -3.24
CA LEU A 233 2.63 14.45 -4.56
C LEU A 233 3.65 14.74 -5.60
N LEU A 234 3.62 13.98 -6.68
CA LEU A 234 4.56 14.11 -7.78
C LEU A 234 3.79 14.45 -9.06
N LEU A 235 4.06 15.63 -9.59
CA LEU A 235 3.28 16.18 -10.69
C LEU A 235 4.15 16.53 -11.86
N PRO A 236 4.00 15.81 -12.98
CA PRO A 236 4.81 16.10 -14.17
C PRO A 236 4.60 17.51 -14.74
N ASP A 237 5.60 17.99 -15.46
CA ASP A 237 5.44 19.21 -16.25
C ASP A 237 4.30 18.98 -17.22
N ASP A 241 3.25 13.16 -22.83
CA ASP A 241 2.52 12.36 -23.80
C ASP A 241 1.07 12.86 -23.93
N VAL A 242 0.33 12.27 -24.88
CA VAL A 242 -1.08 12.58 -25.20
C VAL A 242 -2.08 11.72 -24.40
N SER A 243 -1.51 10.99 -23.45
CA SER A 243 -2.28 10.14 -22.60
C SER A 243 -2.30 10.83 -21.21
N THR A 244 -1.84 10.16 -20.17
CA THR A 244 -1.91 10.74 -18.82
C THR A 244 -0.81 11.72 -18.50
N GLY A 245 0.29 11.67 -19.24
CA GLY A 245 1.41 12.55 -18.94
C GLY A 245 2.39 11.98 -17.92
N LEU A 246 2.13 10.77 -17.47
CA LEU A 246 2.93 10.13 -16.44
C LEU A 246 3.94 9.07 -16.90
N GLU A 247 4.09 8.90 -18.21
CA GLU A 247 4.95 7.84 -18.75
C GLU A 247 6.39 7.93 -18.23
N LEU A 248 6.97 9.11 -18.36
CA LEU A 248 8.35 9.33 -17.95
C LEU A 248 8.50 9.12 -16.45
N LEU A 249 7.68 9.81 -15.69
CA LEU A 249 7.73 9.70 -14.24
C LEU A 249 7.63 8.24 -13.78
N GLU A 250 6.63 7.52 -14.27
CA GLU A 250 6.45 6.12 -13.85
C GLU A 250 7.58 5.21 -14.31
N SER A 251 8.13 5.43 -15.48
CA SER A 251 9.17 4.52 -15.94
C SER A 251 10.53 4.78 -15.29
N GLU A 252 10.82 6.03 -14.93
CA GLU A 252 12.14 6.41 -14.41
C GLU A 252 12.24 6.51 -12.89
N ILE A 253 11.12 6.55 -12.17
CA ILE A 253 11.17 6.68 -10.72
C ILE A 253 11.93 5.50 -10.14
N THR A 254 12.80 5.79 -9.19
CA THR A 254 13.52 4.77 -8.43
C THR A 254 13.66 5.22 -7.00
N TYR A 255 14.11 4.31 -6.15
CA TYR A 255 14.32 4.59 -4.77
C TYR A 255 15.30 5.71 -4.62
N ASP A 256 16.41 5.65 -5.34
CA ASP A 256 17.43 6.67 -5.15
C ASP A 256 16.88 8.06 -5.49
N LYS A 257 16.17 8.15 -6.60
CA LYS A 257 15.69 9.42 -7.09
C LYS A 257 14.64 10.01 -6.16
N LEU A 258 13.80 9.15 -5.63
CA LEU A 258 12.72 9.56 -4.77
C LEU A 258 13.15 9.87 -3.32
N ASN A 259 13.92 8.95 -2.73
CA ASN A 259 14.29 9.08 -1.35
C ASN A 259 15.08 10.36 -1.09
N LYS A 260 15.86 10.80 -2.08
CA LYS A 260 16.62 12.02 -2.00
C LYS A 260 15.69 13.19 -1.69
N TRP A 261 14.49 13.16 -2.26
CA TRP A 261 13.55 14.26 -2.11
C TRP A 261 12.53 14.14 -0.96
N THR A 262 12.28 12.92 -0.48
CA THR A 262 11.37 12.73 0.64
C THR A 262 12.13 12.77 1.98
N SER A 263 13.46 12.68 1.92
CA SER A 263 14.33 12.82 3.09
C SER A 263 14.04 14.09 3.88
N LYS A 264 14.06 13.95 5.20
CA LYS A 264 13.71 15.02 6.16
C LYS A 264 13.99 16.49 5.80
N ASP A 265 15.22 16.83 5.44
CA ASP A 265 15.56 18.26 5.24
C ASP A 265 16.12 18.68 3.86
N LYS A 266 15.86 17.92 2.81
CA LYS A 266 16.36 18.33 1.50
C LYS A 266 15.63 19.55 0.97
N MET A 267 14.33 19.43 0.97
CA MET A 267 13.52 20.48 0.35
C MET A 267 13.51 21.78 1.10
N ALA A 268 13.16 22.83 0.30
CA ALA A 268 13.12 24.15 0.88
C ALA A 268 11.68 24.60 1.02
N GLU A 269 11.35 25.06 2.22
CA GLU A 269 10.03 25.58 2.52
C GLU A 269 9.84 26.96 1.89
N ASP A 270 8.66 27.20 1.36
CA ASP A 270 8.35 28.48 0.73
C ASP A 270 6.85 28.62 0.80
N GLU A 271 6.34 29.83 0.57
CA GLU A 271 4.92 30.06 0.49
C GLU A 271 4.51 29.51 -0.87
N VAL A 272 3.62 28.54 -0.83
CA VAL A 272 3.14 27.82 -2.01
C VAL A 272 1.63 27.92 -2.11
N GLU A 273 1.15 28.15 -3.33
CA GLU A 273 -0.28 28.15 -3.58
C GLU A 273 -0.55 26.77 -4.22
N VAL A 274 -1.38 26.00 -3.55
CA VAL A 274 -1.69 24.62 -3.89
C VAL A 274 -3.14 24.46 -4.30
N TYR A 275 -3.39 23.78 -5.41
CA TYR A 275 -4.73 23.38 -5.81
C TYR A 275 -4.68 21.87 -6.03
N ILE A 276 -5.41 21.11 -5.24
CA ILE A 276 -5.49 19.67 -5.49
C ILE A 276 -6.95 19.26 -5.50
N PRO A 277 -7.28 18.23 -6.25
CA PRO A 277 -8.66 17.77 -6.26
C PRO A 277 -9.07 17.10 -4.97
N GLN A 278 -10.34 17.23 -4.66
CA GLN A 278 -10.97 16.43 -3.63
C GLN A 278 -11.29 15.12 -4.38
N PHE A 279 -10.90 13.97 -3.83
CA PHE A 279 -11.13 12.72 -4.52
C PHE A 279 -11.26 11.53 -3.59
N LYS A 280 -11.89 10.49 -4.12
CA LYS A 280 -12.03 9.22 -3.42
C LYS A 280 -11.70 8.09 -4.38
N LEU A 281 -10.88 7.14 -3.94
CA LEU A 281 -10.56 5.97 -4.74
C LEU A 281 -10.86 4.70 -3.97
N GLU A 282 -11.20 3.64 -4.70
CA GLU A 282 -11.44 2.32 -4.15
C GLU A 282 -11.04 1.34 -5.23
N GLU A 283 -9.98 0.56 -4.98
CA GLU A 283 -9.46 -0.35 -5.95
C GLU A 283 -9.23 -1.75 -5.39
N HIS A 284 -9.55 -2.76 -6.20
CA HIS A 284 -9.36 -4.14 -5.81
C HIS A 284 -8.39 -4.81 -6.78
N TYR A 285 -7.43 -5.58 -6.27
CA TYR A 285 -6.45 -6.28 -7.09
C TYR A 285 -6.29 -7.74 -6.72
N GLU A 286 -5.86 -8.52 -7.71
CA GLU A 286 -5.51 -9.93 -7.54
C GLU A 286 -4.08 -9.99 -8.04
N LEU A 287 -3.13 -10.23 -7.14
CA LEU A 287 -1.71 -9.99 -7.45
C LEU A 287 -0.85 -11.14 -7.94
N ARG A 288 -1.40 -12.32 -8.08
CA ARG A 288 -0.62 -13.47 -8.54
C ARG A 288 0.14 -13.21 -9.85
N SER A 289 -0.56 -12.70 -10.85
CA SER A 289 0.07 -12.45 -12.14
C SER A 289 1.18 -11.44 -11.97
N ILE A 290 0.92 -10.39 -11.19
CA ILE A 290 1.91 -9.36 -10.96
C ILE A 290 3.13 -9.93 -10.25
N LEU A 291 2.91 -10.67 -9.17
CA LEU A 291 4.02 -11.19 -8.40
C LEU A 291 4.82 -12.22 -9.18
N ARG A 292 4.12 -13.05 -9.93
CA ARG A 292 4.80 -13.94 -10.86
C ARG A 292 5.73 -13.17 -11.81
N SER A 293 5.21 -12.10 -12.42
CA SER A 293 6.01 -11.30 -13.36
C SER A 293 7.25 -10.68 -12.69
N MET A 294 7.16 -10.44 -11.40
CA MET A 294 8.25 -9.84 -10.67
C MET A 294 9.31 -10.86 -10.32
N GLY A 295 8.98 -12.13 -10.45
CA GLY A 295 9.93 -13.20 -10.18
C GLY A 295 9.52 -14.21 -9.13
N MET A 296 8.32 -14.06 -8.58
CA MET A 296 7.84 -14.95 -7.52
C MET A 296 6.99 -16.03 -8.17
N GLU A 297 7.66 -16.98 -8.79
CA GLU A 297 7.00 -18.00 -9.59
C GLU A 297 6.66 -19.27 -8.82
N ASP A 298 7.64 -19.79 -8.11
CA ASP A 298 7.46 -21.10 -7.52
C ASP A 298 6.37 -21.09 -6.44
N ALA A 299 6.26 -19.98 -5.70
CA ALA A 299 5.23 -19.92 -4.66
C ALA A 299 3.83 -20.19 -5.18
N PHE A 300 3.57 -19.76 -6.41
CA PHE A 300 2.27 -19.88 -7.06
C PHE A 300 2.14 -21.12 -7.95
N ASN A 301 3.19 -21.95 -7.98
CA ASN A 301 3.19 -23.15 -8.82
C ASN A 301 2.73 -24.37 -8.01
N LYS A 302 1.51 -24.83 -8.27
CA LYS A 302 0.98 -25.95 -7.50
C LYS A 302 1.99 -27.08 -7.39
N GLY A 303 2.67 -27.37 -8.48
CA GLY A 303 3.63 -28.45 -8.49
C GLY A 303 4.90 -28.20 -7.68
N ARG A 304 5.44 -26.99 -7.80
CA ARG A 304 6.77 -26.70 -7.30
C ARG A 304 6.86 -25.97 -5.99
N ALA A 305 5.77 -25.34 -5.53
CA ALA A 305 5.85 -24.55 -4.31
C ALA A 305 6.35 -25.39 -3.14
N ASN A 306 7.17 -24.76 -2.29
CA ASN A 306 7.64 -25.35 -1.05
C ASN A 306 7.32 -24.42 0.13
N PHE A 307 6.28 -24.81 0.85
CA PHE A 307 5.87 -24.17 2.09
C PHE A 307 5.98 -25.14 3.25
N SER A 308 7.05 -25.93 3.25
CA SER A 308 7.26 -26.86 4.37
C SER A 308 7.55 -26.18 5.68
N GLY A 309 7.82 -24.88 5.66
CA GLY A 309 7.99 -24.12 6.87
C GLY A 309 6.65 -24.02 7.59
N MET A 310 5.57 -23.98 6.80
CA MET A 310 4.20 -23.96 7.37
C MET A 310 3.72 -25.36 7.72
N SER A 311 4.05 -26.33 6.88
CA SER A 311 3.54 -27.68 7.07
C SER A 311 4.57 -28.72 6.68
N GLU A 312 4.91 -29.59 7.62
CA GLU A 312 5.96 -30.59 7.40
C GLU A 312 5.65 -31.47 6.21
N ARG A 313 4.38 -31.65 5.91
CA ARG A 313 3.97 -32.49 4.78
C ARG A 313 4.24 -31.84 3.43
N ASN A 314 4.60 -30.56 3.41
CA ASN A 314 4.90 -29.87 2.15
C ASN A 314 3.76 -30.07 1.15
N ASP A 315 2.57 -29.74 1.60
CA ASP A 315 1.38 -29.94 0.81
C ASP A 315 0.59 -28.66 0.56
N LEU A 316 1.29 -27.53 0.45
CA LEU A 316 0.63 -26.24 0.24
C LEU A 316 1.22 -25.46 -0.91
N PHE A 317 0.42 -24.57 -1.49
CA PHE A 317 0.92 -23.58 -2.45
C PHE A 317 0.12 -22.31 -2.28
N LEU A 318 0.63 -21.23 -2.83
CA LEU A 318 -0.05 -19.96 -2.75
C LEU A 318 -0.97 -19.82 -3.95
N SER A 319 -2.27 -19.74 -3.69
CA SER A 319 -3.23 -19.68 -4.78
C SER A 319 -3.40 -18.28 -5.34
N GLU A 320 -3.48 -17.28 -4.47
CA GLU A 320 -3.71 -15.90 -4.89
C GLU A 320 -3.40 -14.96 -3.71
N VAL A 321 -3.16 -13.71 -4.05
CA VAL A 321 -2.98 -12.63 -3.09
C VAL A 321 -3.97 -11.53 -3.46
N PHE A 322 -4.97 -11.30 -2.61
CA PHE A 322 -5.98 -10.31 -2.84
C PHE A 322 -5.63 -9.01 -2.09
N HIS A 323 -5.82 -7.86 -2.72
CA HIS A 323 -5.57 -6.58 -2.09
C HIS A 323 -6.71 -5.63 -2.39
N GLN A 324 -7.20 -4.94 -1.39
CA GLN A 324 -8.23 -3.94 -1.63
C GLN A 324 -7.79 -2.71 -0.84
N ALA A 325 -7.88 -1.53 -1.47
CA ALA A 325 -7.45 -0.30 -0.83
C ALA A 325 -8.38 0.86 -1.23
N MET A 326 -8.56 1.78 -0.30
CA MET A 326 -9.36 2.97 -0.55
C MET A 326 -8.73 4.20 0.08
N VAL A 327 -9.09 5.36 -0.44
CA VAL A 327 -8.64 6.60 0.12
C VAL A 327 -9.71 7.64 -0.15
N ASP A 328 -9.89 8.55 0.81
CA ASP A 328 -10.83 9.65 0.71
C ASP A 328 -10.07 10.89 1.16
N VAL A 329 -9.78 11.79 0.21
CA VAL A 329 -9.00 13.01 0.42
C VAL A 329 -9.96 14.17 0.41
N ASN A 330 -9.87 15.00 1.45
CA ASN A 330 -10.81 16.14 1.64
C ASN A 330 -10.07 17.31 2.28
N GLU A 331 -10.79 18.33 2.68
CA GLU A 331 -10.18 19.59 3.07
C GLU A 331 -9.76 19.68 4.53
N GLU A 332 -10.31 18.76 5.33
CA GLU A 332 -10.22 18.77 6.80
C GLU A 332 -8.83 18.89 7.35
N GLY A 333 -8.67 19.84 8.25
CA GLY A 333 -7.40 20.05 8.89
C GLY A 333 -7.60 20.42 10.34
N THR A 334 -6.50 20.67 11.01
CA THR A 334 -6.50 21.13 12.39
C THR A 334 -7.16 22.49 12.50
N THR A 345 -4.88 35.75 4.96
CA THR A 345 -6.03 36.58 4.61
C THR A 345 -5.55 37.88 3.98
N GLY A 346 -6.16 38.26 2.87
CA GLY A 346 -5.82 39.51 2.22
C GLY A 346 -4.65 39.45 1.27
N ARG A 347 -3.97 38.30 1.17
CA ARG A 347 -2.85 38.18 0.23
C ARG A 347 -3.32 38.15 -1.23
N THR A 348 -2.70 38.97 -2.08
CA THR A 348 -3.12 39.12 -3.47
C THR A 348 -2.10 38.77 -4.57
N GLY A 349 -0.81 38.74 -4.23
CA GLY A 349 0.24 38.43 -5.19
C GLY A 349 0.32 36.96 -5.55
N HIS A 350 0.94 36.69 -6.71
CA HIS A 350 1.07 35.34 -7.25
C HIS A 350 2.42 35.22 -7.97
N GLY A 351 3.46 35.69 -7.29
CA GLY A 351 4.79 35.70 -7.86
C GLY A 351 5.53 34.41 -7.62
N GLY A 352 5.11 33.66 -6.62
CA GLY A 352 5.82 32.47 -6.19
C GLY A 352 5.25 31.16 -6.71
N PRO A 353 5.78 30.09 -6.12
CA PRO A 353 5.42 28.72 -6.50
C PRO A 353 3.95 28.39 -6.49
N GLN A 354 3.61 27.65 -7.53
CA GLN A 354 2.28 27.15 -7.68
C GLN A 354 2.42 25.65 -7.81
N PHE A 355 1.44 24.94 -7.27
CA PHE A 355 1.33 23.50 -7.46
C PHE A 355 -0.13 23.25 -7.79
N VAL A 356 -0.42 23.14 -9.09
CA VAL A 356 -1.79 23.03 -9.54
C VAL A 356 -1.98 21.63 -10.14
N ALA A 357 -2.56 20.75 -9.33
CA ALA A 357 -2.73 19.36 -9.71
C ALA A 357 -4.04 19.17 -10.49
N ASP A 358 -4.06 19.78 -11.68
CA ASP A 358 -5.19 19.64 -12.61
C ASP A 358 -4.88 18.69 -13.77
N HIS A 359 -3.98 17.76 -13.53
CA HIS A 359 -3.64 16.72 -14.51
C HIS A 359 -3.06 15.59 -13.70
N PRO A 360 -2.93 14.38 -14.28
CA PRO A 360 -2.50 13.20 -13.49
C PRO A 360 -1.21 13.31 -12.71
N PHE A 361 -1.25 12.74 -11.50
CA PHE A 361 -0.15 12.77 -10.59
C PHE A 361 -0.05 11.49 -9.79
N LEU A 362 1.16 11.23 -9.30
CA LEU A 362 1.33 10.16 -8.35
C LEU A 362 1.31 10.77 -6.95
N PHE A 363 0.91 9.98 -5.96
CA PHE A 363 0.95 10.41 -4.57
C PHE A 363 1.26 9.24 -3.64
N LEU A 364 1.85 9.56 -2.49
CA LEU A 364 2.14 8.56 -1.51
C LEU A 364 1.98 9.15 -0.11
N ILE A 365 1.58 8.30 0.82
CA ILE A 365 1.40 8.65 2.22
C ILE A 365 2.57 7.96 2.94
N MET A 366 3.38 8.78 3.59
CA MET A 366 4.66 8.37 4.18
C MET A 366 4.62 8.48 5.69
N HIS A 367 5.00 7.40 6.38
CA HIS A 367 5.22 7.43 7.82
C HIS A 367 6.64 7.95 8.02
N LYS A 368 6.76 9.19 8.52
CA LYS A 368 8.06 9.84 8.50
C LYS A 368 9.12 9.21 9.42
N ILE A 369 8.70 8.67 10.55
CA ILE A 369 9.66 8.11 11.49
C ILE A 369 10.30 6.86 10.92
N THR A 370 9.51 5.98 10.32
CA THR A 370 10.04 4.74 9.71
C THR A 370 10.53 4.94 8.27
N ASN A 371 10.05 5.98 7.61
CA ASN A 371 10.31 6.20 6.19
C ASN A 371 9.59 5.13 5.35
N CYS A 372 8.56 4.52 5.90
CA CYS A 372 7.75 3.55 5.14
C CYS A 372 6.61 4.20 4.36
N ILE A 373 6.45 3.76 3.12
CA ILE A 373 5.29 4.12 2.33
C ILE A 373 4.11 3.33 2.81
N LEU A 374 3.11 3.98 3.39
CA LEU A 374 1.91 3.31 3.86
C LEU A 374 0.95 3.09 2.71
N PHE A 375 0.83 4.11 1.83
CA PHE A 375 -0.06 4.09 0.67
C PHE A 375 0.60 4.79 -0.53
N PHE A 376 0.27 4.32 -1.73
CA PHE A 376 0.81 4.82 -2.98
C PHE A 376 -0.28 4.78 -4.05
N GLY A 377 -0.41 5.83 -4.85
CA GLY A 377 -1.41 5.79 -5.88
C GLY A 377 -1.13 6.66 -7.07
N ARG A 378 -2.01 6.50 -8.05
CA ARG A 378 -2.02 7.30 -9.26
C ARG A 378 -3.42 7.88 -9.37
N PHE A 379 -3.52 9.20 -9.36
CA PHE A 379 -4.80 9.84 -9.59
C PHE A 379 -4.82 10.39 -11.00
N SER A 380 -5.69 9.84 -11.83
CA SER A 380 -5.72 10.27 -13.22
C SER A 380 -7.08 10.56 -13.78
N SER A 381 -8.13 10.11 -13.11
CA SER A 381 -9.49 10.19 -13.66
C SER A 381 -10.52 10.49 -12.58
N PRO A 382 -10.98 11.73 -12.48
CA PRO A 382 -12.01 12.09 -11.51
C PRO A 382 -13.33 11.36 -11.78
C ACE B 1 -7.77 14.21 4.68
O ACE B 1 -7.81 14.32 3.47
CH3 ACE B 1 -7.97 15.40 5.58
N THR B 2 -7.53 13.07 5.32
CA THR B 2 -7.51 11.83 4.56
C THR B 2 -7.88 10.66 5.44
N GLU B 3 -8.71 9.78 4.91
CA GLU B 3 -9.02 8.51 5.51
C GLU B 3 -8.55 7.50 4.46
N ALA B 4 -7.74 6.52 4.86
CA ALA B 4 -7.23 5.52 3.93
C ALA B 4 -7.23 4.17 4.60
N ALA B 5 -7.47 3.11 3.85
CA ALA B 5 -7.47 1.78 4.46
C ALA B 5 -7.14 0.75 3.41
N ALA B 6 -6.68 -0.39 3.87
CA ALA B 6 -6.41 -1.50 2.95
C ALA B 6 -6.40 -2.82 3.67
N GLY B 7 -6.61 -3.87 2.92
CA GLY B 7 -6.48 -5.24 3.36
C GLY B 7 -5.73 -6.06 2.31
N THR B 8 -4.99 -7.05 2.79
CA THR B 8 -4.33 -7.99 1.93
C THR B 8 -4.59 -9.36 2.47
N GLY B 9 -4.89 -10.30 1.58
CA GLY B 9 -5.11 -11.67 1.97
C GLY B 9 -4.37 -12.63 1.06
N GLY B 10 -3.45 -13.42 1.64
CA GLY B 10 -2.72 -14.46 0.93
C GLY B 10 -3.37 -15.79 1.21
N VAL B 11 -3.83 -16.48 0.17
CA VAL B 11 -4.56 -17.73 0.32
C VAL B 11 -3.66 -18.92 0.04
N MET B 12 -3.45 -19.73 1.07
CA MET B 12 -2.67 -20.96 0.99
C MET B 12 -3.63 -22.13 0.79
N THR B 13 -3.36 -22.94 -0.21
CA THR B 13 -4.25 -24.02 -0.62
C THR B 13 -3.54 -25.36 -0.56
N GLY B 14 -4.31 -26.39 -0.22
CA GLY B 14 -3.78 -27.73 -0.16
C GLY B 14 -3.67 -28.35 -1.55
N ARG B 15 -2.71 -29.26 -1.70
CA ARG B 15 -2.51 -29.99 -2.95
C ARG B 15 -2.24 -31.47 -2.66
C1 BME C . -23.25 -24.84 8.00
C2 BME C . -22.37 -24.28 6.87
O1 BME C . -22.93 -24.19 9.22
S2 BME C . -20.90 -25.29 6.65
#